data_7OXH
#
_entry.id   7OXH
#
_cell.length_a   49.225
_cell.length_b   49.225
_cell.length_c   131.214
_cell.angle_alpha   90.000
_cell.angle_beta   90.000
_cell.angle_gamma   120.000
#
_symmetry.space_group_name_H-M   'P 31 2 1'
#
loop_
_entity.id
_entity.type
_entity.pdbx_description
1 polymer 'Peptidyl-prolyl cis-trans isomerase'
2 polymer '30S ribosomal protein S2'
3 polymer 'Fragment of 30S ribosomal protein S2 peptide'
4 non-polymer 2-{2-[2-(2-{2-[2-(2-ETHOXY-ETHOXY)-ETHOXY]-ETHOXY}-ETHOXY)-ETHOXY]-ETHOXY}-ETHANOL
5 non-polymer DI(HYDROXYETHYL)ETHER
6 non-polymer 'NICKEL (II) ION'
7 non-polymer 'CHLORIDE ION'
8 water water
#
loop_
_entity_poly.entity_id
_entity_poly.type
_entity_poly.pdbx_seq_one_letter_code
_entity_poly.pdbx_strand_id
1 'polypeptide(L)'
;MKVGQDKVVTIRYTLQVEGEVLDQGELSYLHGHRNLIPGLEEALEGREEGEAFQAHVPAEKAYGPHDPEGVQVVPLSAFP
EDAEVVPGAQFYAQDMEGNPMPLTVVAVEGEEVTVDFNHPLAGKDLDFQVEVVKVREATPEELLHGHAHPSGHHHHHH
;
A
2 'polypeptide(L)' TRYWNAKMLPFAFGA B
3 'polypeptide(L)' (UNK)(UNK) E
#
loop_
_chem_comp.id
_chem_comp.type
_chem_comp.name
_chem_comp.formula
CL non-polymer 'CHLORIDE ION' 'Cl -1'
NI non-polymer 'NICKEL (II) ION' 'Ni 2'
PE4 non-polymer 2-{2-[2-(2-{2-[2-(2-ETHOXY-ETHOXY)-ETHOXY]-ETHOXY}-ETHOXY)-ETHOXY]-ETHOXY}-ETHANOL 'C16 H34 O8'
PEG non-polymer DI(HYDROXYETHYL)ETHER 'C4 H10 O3'
#
# COMPACT_ATOMS: atom_id res chain seq x y z
N MET A 1 -11.81 23.75 2.06
CA MET A 1 -10.59 23.99 2.84
C MET A 1 -9.47 23.14 2.27
N LYS A 2 -8.23 23.49 2.58
CA LYS A 2 -7.07 22.93 1.88
C LYS A 2 -6.46 21.77 2.64
N VAL A 3 -5.90 20.82 1.87
CA VAL A 3 -5.18 19.71 2.47
C VAL A 3 -4.00 20.22 3.27
N GLY A 4 -3.82 19.67 4.47
CA GLY A 4 -2.71 20.07 5.32
C GLY A 4 -2.62 19.20 6.55
N GLN A 5 -1.62 19.50 7.37
CA GLN A 5 -1.35 18.71 8.58
C GLN A 5 -2.60 18.58 9.45
N ASP A 6 -2.85 17.35 9.92
CA ASP A 6 -3.91 17.03 10.86
C ASP A 6 -5.30 17.19 10.29
N LYS A 7 -5.43 17.22 8.96
CA LYS A 7 -6.72 17.18 8.29
C LYS A 7 -7.05 15.75 7.89
N VAL A 8 -8.33 15.40 7.97
CA VAL A 8 -8.81 14.15 7.40
C VAL A 8 -9.23 14.45 5.97
N VAL A 9 -8.62 13.77 5.01
CA VAL A 9 -8.76 14.05 3.59
C VAL A 9 -9.40 12.83 2.94
N THR A 10 -10.44 13.06 2.15
CA THR A 10 -11.05 12.01 1.35
C THR A 10 -10.65 12.24 -0.10
N ILE A 11 -10.10 11.21 -0.73
CA ILE A 11 -9.68 11.31 -2.13
C ILE A 11 -10.34 10.19 -2.92
N ARG A 12 -10.60 10.48 -4.18
CA ARG A 12 -10.89 9.45 -5.17
C ARG A 12 -9.66 9.32 -6.05
N TYR A 13 -9.30 8.09 -6.43
CA TYR A 13 -8.07 7.94 -7.19
C TYR A 13 -8.19 6.81 -8.21
N THR A 14 -7.35 6.92 -9.25
CA THR A 14 -7.04 5.82 -10.15
C THR A 14 -5.53 5.63 -10.13
N LEU A 15 -5.09 4.37 -10.04
CA LEU A 15 -3.68 4.03 -9.98
C LEU A 15 -3.34 3.19 -11.20
N GLN A 16 -2.35 3.66 -11.96
CA GLN A 16 -1.87 3.06 -13.20
C GLN A 16 -0.36 2.81 -13.06
N VAL A 17 0.10 1.66 -13.53
CA VAL A 17 1.53 1.34 -13.58
C VAL A 17 1.86 0.91 -14.99
N GLU A 18 2.78 1.63 -15.62
CA GLU A 18 3.19 1.35 -17.00
C GLU A 18 1.98 1.22 -17.92
N GLY A 19 1.02 2.12 -17.74
CA GLY A 19 -0.14 2.20 -18.60
C GLY A 19 -1.25 1.21 -18.31
N GLU A 20 -1.11 0.36 -17.28
CA GLU A 20 -2.18 -0.54 -16.89
C GLU A 20 -2.82 -0.02 -15.61
N VAL A 21 -4.15 0.15 -15.65
CA VAL A 21 -4.88 0.57 -14.47
C VAL A 21 -4.90 -0.61 -13.49
N LEU A 22 -4.25 -0.43 -12.35
CA LEU A 22 -4.24 -1.50 -11.35
C LEU A 22 -5.30 -1.31 -10.29
N ASP A 23 -5.61 -0.07 -9.92
CA ASP A 23 -6.54 0.12 -8.82
C ASP A 23 -7.36 1.38 -9.06
N GLN A 24 -8.51 1.45 -8.40
CA GLN A 24 -9.40 2.60 -8.56
C GLN A 24 -10.34 2.60 -7.37
N GLY A 25 -10.43 3.70 -6.65
CA GLY A 25 -11.27 3.70 -5.47
C GLY A 25 -11.33 5.03 -4.77
N GLU A 26 -11.79 4.97 -3.52
CA GLU A 26 -11.95 6.16 -2.70
C GLU A 26 -11.51 5.82 -1.30
N LEU A 27 -10.78 6.72 -0.66
CA LEU A 27 -10.35 6.45 0.70
C LEU A 27 -10.30 7.75 1.50
N SER A 28 -10.35 7.61 2.83
CA SER A 28 -10.09 8.74 3.71
C SER A 28 -8.88 8.44 4.58
N TYR A 29 -8.07 9.46 4.82
CA TYR A 29 -6.84 9.28 5.57
C TYR A 29 -6.54 10.54 6.38
N LEU A 30 -5.80 10.35 7.49
CA LEU A 30 -5.37 11.48 8.29
C LEU A 30 -4.02 11.95 7.76
N HIS A 31 -3.98 13.20 7.31
CA HIS A 31 -2.84 13.76 6.59
C HIS A 31 -1.74 14.17 7.58
N GLY A 32 -0.50 13.82 7.26
CA GLY A 32 0.61 14.17 8.11
C GLY A 32 0.91 13.18 9.19
N HIS A 33 0.41 11.94 9.08
CA HIS A 33 0.67 10.93 10.10
C HIS A 33 1.19 9.65 9.46
N ARG A 34 1.88 9.78 8.33
CA ARG A 34 2.46 8.64 7.63
C ARG A 34 1.43 7.57 7.31
N ASN A 35 0.20 7.97 6.97
CA ASN A 35 -0.84 7.00 6.65
C ASN A 35 -0.91 6.71 5.16
N LEU A 36 -0.31 7.57 4.34
CA LEU A 36 -0.36 7.52 2.89
C LEU A 36 1.05 7.65 2.37
N ILE A 37 1.31 7.04 1.20
CA ILE A 37 2.68 7.07 0.67
C ILE A 37 3.15 8.52 0.53
N PRO A 38 4.43 8.81 0.79
CA PRO A 38 4.87 10.22 0.88
C PRO A 38 4.74 11.02 -0.40
N GLY A 39 5.03 10.43 -1.56
CA GLY A 39 4.93 11.20 -2.79
C GLY A 39 3.50 11.67 -3.07
N LEU A 40 2.52 10.87 -2.68
CA LEU A 40 1.14 11.25 -2.87
C LEU A 40 0.71 12.32 -1.86
N GLU A 41 1.14 12.19 -0.60
CA GLU A 41 0.85 13.25 0.35
C GLU A 41 1.48 14.56 -0.09
N GLU A 42 2.70 14.50 -0.61
CA GLU A 42 3.38 15.69 -1.10
C GLU A 42 2.61 16.30 -2.27
N ALA A 43 2.08 15.47 -3.16
CA ALA A 43 1.28 16.01 -4.26
C ALA A 43 -0.01 16.64 -3.77
N LEU A 44 -0.58 16.13 -2.68
CA LEU A 44 -1.86 16.64 -2.19
C LEU A 44 -1.74 17.88 -1.32
N GLU A 45 -0.56 18.12 -0.73
CA GLU A 45 -0.38 19.23 0.19
C GLU A 45 -0.88 20.54 -0.39
N GLY A 46 -1.75 21.22 0.35
CA GLY A 46 -2.25 22.52 -0.03
C GLY A 46 -3.33 22.53 -1.09
N ARG A 47 -3.71 21.37 -1.61
CA ARG A 47 -4.76 21.32 -2.63
C ARG A 47 -6.12 21.63 -2.02
N GLU A 48 -6.94 22.34 -2.78
CA GLU A 48 -8.29 22.68 -2.37
C GLU A 48 -9.24 21.51 -2.60
N GLU A 49 -10.31 21.46 -1.79
CA GLU A 49 -11.40 20.54 -2.08
C GLU A 49 -11.93 20.80 -3.48
N GLY A 50 -12.17 19.74 -4.24
CA GLY A 50 -12.62 19.87 -5.62
C GLY A 50 -11.50 19.85 -6.64
N GLU A 51 -10.25 19.96 -6.20
CA GLU A 51 -9.15 19.88 -7.17
C GLU A 51 -9.02 18.44 -7.66
N ALA A 52 -8.67 18.29 -8.93
CA ALA A 52 -8.42 17.00 -9.53
C ALA A 52 -7.20 17.17 -10.41
N PHE A 53 -6.30 16.20 -10.35
CA PHE A 53 -5.01 16.36 -11.01
C PHE A 53 -4.41 14.99 -11.26
N GLN A 54 -3.36 14.97 -12.06
CA GLN A 54 -2.62 13.74 -12.31
C GLN A 54 -1.20 13.91 -11.79
N ALA A 55 -0.65 12.86 -11.20
CA ALA A 55 0.67 12.96 -10.59
C ALA A 55 1.47 11.70 -10.84
N HIS A 56 2.74 11.87 -11.12
CA HIS A 56 3.69 10.76 -11.24
C HIS A 56 4.47 10.68 -9.93
N VAL A 57 4.50 9.50 -9.33
CA VAL A 57 5.17 9.30 -8.05
C VAL A 57 6.23 8.23 -8.24
N PRO A 58 7.51 8.57 -8.29
CA PRO A 58 8.55 7.54 -8.44
C PRO A 58 8.53 6.56 -7.28
N ALA A 59 9.08 5.36 -7.55
CA ALA A 59 9.11 4.29 -6.54
C ALA A 59 9.70 4.78 -5.22
N GLU A 60 10.72 5.63 -5.28
CA GLU A 60 11.40 6.11 -4.09
C GLU A 60 10.46 6.82 -3.13
N LYS A 61 9.46 7.52 -3.65
CA LYS A 61 8.48 8.18 -2.80
C LYS A 61 7.14 7.47 -2.77
N ALA A 62 7.09 6.23 -3.24
CA ALA A 62 5.87 5.45 -3.17
C ALA A 62 6.06 4.27 -2.20
N TYR A 63 6.18 3.05 -2.73
CA TYR A 63 6.39 1.89 -1.86
C TYR A 63 7.86 1.51 -1.78
N GLY A 64 8.75 2.34 -2.31
CA GLY A 64 10.16 2.15 -2.16
C GLY A 64 10.75 1.27 -3.24
N PRO A 65 12.06 1.17 -3.28
CA PRO A 65 12.70 0.25 -4.24
C PRO A 65 12.42 -1.20 -3.86
N HIS A 66 12.54 -2.07 -4.85
CA HIS A 66 12.44 -3.49 -4.55
C HIS A 66 13.68 -3.92 -3.78
N ASP A 67 13.45 -4.55 -2.62
CA ASP A 67 14.53 -4.98 -1.76
C ASP A 67 14.91 -6.40 -2.11
N PRO A 68 16.10 -6.65 -2.66
CA PRO A 68 16.48 -8.04 -2.97
C PRO A 68 16.43 -8.95 -1.76
N GLU A 69 16.65 -8.42 -0.55
CA GLU A 69 16.62 -9.28 0.63
C GLU A 69 15.22 -9.70 1.04
N GLY A 70 14.19 -9.13 0.43
CA GLY A 70 12.86 -9.62 0.65
C GLY A 70 12.50 -10.87 -0.12
N VAL A 71 13.40 -11.34 -0.97
CA VAL A 71 13.19 -12.58 -1.71
C VAL A 71 13.87 -13.68 -0.93
N GLN A 72 13.10 -14.72 -0.58
CA GLN A 72 13.56 -15.83 0.24
C GLN A 72 13.37 -17.14 -0.50
N VAL A 73 14.08 -18.18 -0.06
CA VAL A 73 13.95 -19.53 -0.63
C VAL A 73 13.50 -20.45 0.50
N VAL A 74 12.27 -20.94 0.44
CA VAL A 74 11.64 -21.62 1.58
C VAL A 74 11.24 -23.02 1.16
N PRO A 75 11.04 -23.94 2.11
CA PRO A 75 10.62 -25.30 1.72
C PRO A 75 9.17 -25.36 1.26
N LEU A 76 8.94 -26.17 0.21
CA LEU A 76 7.58 -26.42 -0.27
C LEU A 76 6.70 -27.05 0.81
N SER A 77 7.31 -27.68 1.81
CA SER A 77 6.54 -28.30 2.89
C SER A 77 5.80 -27.27 3.73
N ALA A 78 6.34 -26.05 3.83
CA ALA A 78 5.66 -25.01 4.59
C ALA A 78 4.33 -24.62 3.96
N PHE A 79 4.14 -24.91 2.70
CA PHE A 79 2.88 -24.60 2.05
C PHE A 79 1.87 -25.73 2.33
N PRO A 80 0.62 -25.39 2.62
CA PRO A 80 -0.32 -26.39 3.10
C PRO A 80 -0.81 -27.31 2.00
N GLU A 81 -1.43 -28.41 2.41
CA GLU A 81 -2.30 -29.19 1.50
C GLU A 81 -1.45 -29.74 0.36
N ASP A 82 -1.89 -29.62 -0.89
CA ASP A 82 -1.03 -29.26 -2.00
C ASP A 82 -1.73 -28.11 -2.73
N ALA A 83 -1.51 -26.90 -2.21
CA ALA A 83 -2.14 -25.73 -2.76
C ALA A 83 -1.42 -25.26 -4.00
N GLU A 84 -1.85 -24.10 -4.43
CA GLU A 84 -1.48 -23.68 -5.77
C GLU A 84 -0.25 -22.82 -5.66
N VAL A 85 0.86 -23.50 -5.45
CA VAL A 85 2.16 -22.86 -5.27
C VAL A 85 2.69 -22.64 -6.67
N VAL A 86 2.19 -21.59 -7.32
CA VAL A 86 2.63 -21.19 -8.65
C VAL A 86 2.95 -19.71 -8.65
N PRO A 87 3.78 -19.26 -9.58
CA PRO A 87 4.12 -17.84 -9.69
C PRO A 87 2.89 -16.95 -9.72
N GLY A 88 2.92 -15.90 -8.91
CA GLY A 88 1.85 -14.96 -8.79
C GLY A 88 0.88 -15.25 -7.67
N ALA A 89 0.85 -16.49 -7.18
CA ALA A 89 -0.04 -16.84 -6.07
C ALA A 89 0.39 -16.10 -4.80
N GLN A 90 -0.58 -15.65 -4.03
CA GLN A 90 -0.30 -14.94 -2.78
C GLN A 90 -0.61 -15.81 -1.57
N PHE A 91 0.31 -15.85 -0.60
CA PHE A 91 0.10 -16.59 0.63
C PHE A 91 0.45 -15.68 1.81
N TYR A 92 0.08 -16.12 3.01
CA TYR A 92 0.46 -15.46 4.25
C TYR A 92 1.27 -16.43 5.10
N ALA A 93 2.45 -16.01 5.52
CA ALA A 93 3.17 -16.71 6.57
C ALA A 93 2.80 -16.05 7.91
N GLN A 94 3.08 -16.73 9.01
CA GLN A 94 2.88 -16.10 10.31
C GLN A 94 4.16 -16.20 11.11
N ASP A 95 4.46 -15.14 11.88
CA ASP A 95 5.67 -15.15 12.70
C ASP A 95 5.35 -15.78 14.05
N MET A 96 6.27 -15.66 15.01
CA MET A 96 6.13 -16.37 16.28
CA MET A 96 6.10 -16.41 16.25
C MET A 96 4.90 -15.93 17.06
N GLU A 97 4.47 -14.68 16.90
CA GLU A 97 3.30 -14.23 17.65
C GLU A 97 2.05 -14.19 16.76
N GLY A 98 2.14 -14.76 15.56
CA GLY A 98 0.99 -14.89 14.70
C GLY A 98 0.77 -13.78 13.70
N ASN A 99 1.68 -12.80 13.61
CA ASN A 99 1.50 -11.72 12.64
C ASN A 99 1.47 -12.27 11.23
N PRO A 100 0.44 -11.97 10.44
CA PRO A 100 0.45 -12.45 9.05
C PRO A 100 1.36 -11.60 8.16
N MET A 101 2.13 -12.28 7.33
CA MET A 101 3.20 -11.68 6.54
C MET A 101 2.94 -12.12 5.11
N PRO A 102 2.45 -11.26 4.24
CA PRO A 102 2.11 -11.68 2.87
C PRO A 102 3.33 -11.86 1.98
N LEU A 103 3.21 -12.82 1.07
CA LEU A 103 4.26 -13.13 0.11
C LEU A 103 3.62 -13.48 -1.21
N THR A 104 4.39 -13.27 -2.28
CA THR A 104 4.04 -13.72 -3.63
C THR A 104 5.01 -14.81 -4.05
N VAL A 105 4.48 -15.90 -4.58
CA VAL A 105 5.33 -16.98 -5.09
C VAL A 105 6.00 -16.53 -6.38
N VAL A 106 7.32 -16.72 -6.46
CA VAL A 106 8.12 -16.37 -7.64
C VAL A 106 8.45 -17.60 -8.49
N ALA A 107 8.90 -18.67 -7.85
CA ALA A 107 9.34 -19.85 -8.60
C ALA A 107 9.26 -21.09 -7.70
N VAL A 108 9.15 -22.26 -8.32
CA VAL A 108 9.13 -23.53 -7.58
C VAL A 108 10.00 -24.55 -8.30
N GLU A 109 10.85 -25.22 -7.52
CA GLU A 109 11.80 -26.20 -8.06
C GLU A 109 12.16 -27.19 -6.96
N GLY A 110 12.03 -28.49 -7.26
CA GLY A 110 12.31 -29.49 -6.23
C GLY A 110 11.41 -29.31 -5.03
N GLU A 111 12.00 -29.26 -3.83
CA GLU A 111 11.26 -28.96 -2.61
C GLU A 111 11.47 -27.53 -2.13
N GLU A 112 11.69 -26.60 -3.07
CA GLU A 112 12.05 -25.22 -2.75
C GLU A 112 11.15 -24.25 -3.50
N VAL A 113 10.67 -23.22 -2.80
CA VAL A 113 9.82 -22.18 -3.35
C VAL A 113 10.54 -20.86 -3.14
N THR A 114 10.80 -20.15 -4.22
CA THR A 114 11.28 -18.78 -4.12
C THR A 114 10.07 -17.87 -3.96
N VAL A 115 10.07 -17.08 -2.88
CA VAL A 115 8.96 -16.22 -2.50
C VAL A 115 9.47 -14.78 -2.34
N ASP A 116 8.55 -13.83 -2.48
CA ASP A 116 8.90 -12.42 -2.41
C ASP A 116 7.99 -11.76 -1.38
N PHE A 117 8.58 -11.23 -0.32
CA PHE A 117 7.86 -10.52 0.73
C PHE A 117 7.74 -9.04 0.44
N ASN A 118 8.33 -8.55 -0.65
CA ASN A 118 8.21 -7.15 -1.00
C ASN A 118 6.77 -6.78 -1.29
N HIS A 119 6.42 -5.54 -1.03
CA HIS A 119 5.15 -5.02 -1.53
C HIS A 119 5.07 -5.22 -3.04
N PRO A 120 3.91 -5.61 -3.58
CA PRO A 120 3.81 -5.84 -5.03
C PRO A 120 4.19 -4.62 -5.86
N LEU A 121 4.04 -3.41 -5.32
CA LEU A 121 4.43 -2.21 -6.05
C LEU A 121 5.82 -1.72 -5.71
N ALA A 122 6.60 -2.43 -4.89
CA ALA A 122 7.96 -1.98 -4.65
C ALA A 122 8.74 -1.98 -5.95
N GLY A 123 9.48 -0.89 -6.19
CA GLY A 123 10.24 -0.73 -7.42
C GLY A 123 9.47 -0.18 -8.61
N LYS A 124 8.17 0.12 -8.46
CA LYS A 124 7.37 0.64 -9.56
C LYS A 124 7.10 2.12 -9.37
N ASP A 125 7.24 2.88 -10.44
CA ASP A 125 6.72 4.24 -10.46
C ASP A 125 5.20 4.20 -10.66
N LEU A 126 4.47 5.07 -9.96
CA LEU A 126 3.03 5.01 -9.92
C LEU A 126 2.45 6.26 -10.57
N ASP A 127 1.48 6.10 -11.45
CA ASP A 127 0.79 7.23 -12.05
C ASP A 127 -0.61 7.31 -11.48
N PHE A 128 -0.95 8.44 -10.87
CA PHE A 128 -2.23 8.61 -10.24
C PHE A 128 -3.05 9.66 -10.96
N GLN A 129 -4.37 9.47 -10.92
CA GLN A 129 -5.31 10.57 -11.06
C GLN A 129 -6.02 10.69 -9.73
N VAL A 130 -6.13 11.92 -9.21
CA VAL A 130 -6.58 12.13 -7.84
C VAL A 130 -7.61 13.26 -7.85
N GLU A 131 -8.69 13.08 -7.10
CA GLU A 131 -9.66 14.14 -6.87
C GLU A 131 -9.80 14.32 -5.36
N VAL A 132 -9.70 15.56 -4.89
CA VAL A 132 -9.91 15.83 -3.47
C VAL A 132 -11.41 15.96 -3.26
N VAL A 133 -12.01 14.97 -2.58
CA VAL A 133 -13.46 14.93 -2.35
C VAL A 133 -13.87 15.78 -1.15
N LYS A 134 -13.14 15.68 -0.05
CA LYS A 134 -13.50 16.34 1.18
C LYS A 134 -12.24 16.54 2.02
N VAL A 135 -12.20 17.65 2.74
CA VAL A 135 -11.18 17.93 3.73
C VAL A 135 -11.90 18.45 4.96
N ARG A 136 -11.55 17.91 6.12
CA ARG A 136 -12.10 18.43 7.38
C ARG A 136 -11.01 18.39 8.45
N GLU A 137 -11.28 19.07 9.56
CA GLU A 137 -10.41 18.91 10.71
C GLU A 137 -10.61 17.55 11.34
N ALA A 138 -9.55 17.04 11.96
CA ALA A 138 -9.63 15.79 12.71
C ALA A 138 -10.22 16.01 14.10
N THR A 139 -10.91 14.98 14.60
CA THR A 139 -11.39 14.98 15.98
C THR A 139 -10.23 14.71 16.92
N PRO A 140 -10.38 15.01 18.22
CA PRO A 140 -9.34 14.61 19.17
C PRO A 140 -9.05 13.12 19.18
N GLU A 141 -10.10 12.28 19.12
CA GLU A 141 -9.86 10.85 19.11
C GLU A 141 -9.15 10.39 17.85
N GLU A 142 -9.36 11.07 16.71
CA GLU A 142 -8.64 10.69 15.50
C GLU A 142 -7.15 10.99 15.63
N LEU A 143 -6.82 12.18 16.15
CA LEU A 143 -5.41 12.51 16.31
C LEU A 143 -4.76 11.68 17.40
N LEU A 144 -5.54 11.22 18.38
CA LEU A 144 -5.00 10.31 19.40
C LEU A 144 -4.71 8.93 18.79
N HIS A 145 -5.71 8.34 18.14
CA HIS A 145 -5.51 7.04 17.51
C HIS A 145 -4.58 7.12 16.30
N GLY A 146 -4.32 8.32 15.77
CA GLY A 146 -3.43 8.50 14.65
C GLY A 146 -4.03 8.19 13.29
N HIS A 147 -5.33 7.94 13.23
CA HIS A 147 -5.98 7.49 11.99
C HIS A 147 -7.42 8.01 11.98
N ALA A 148 -7.97 8.11 10.77
CA ALA A 148 -9.34 8.59 10.63
C ALA A 148 -10.33 7.51 11.03
N HIS A 149 -11.51 7.93 11.51
CA HIS A 149 -12.57 6.99 11.87
C HIS A 149 -13.83 7.23 11.04
N PRO A 150 -14.20 6.28 10.16
CA PRO A 150 -13.37 5.13 9.79
C PRO A 150 -12.34 5.52 8.75
N SER A 151 -11.27 4.73 8.64
CA SER A 151 -10.21 5.02 7.70
C SER A 151 -10.21 4.00 6.57
N GLY A 152 -9.45 4.31 5.53
CA GLY A 152 -9.32 3.40 4.42
C GLY A 152 -10.44 3.56 3.41
N HIS A 153 -10.74 2.46 2.74
CA HIS A 153 -11.54 2.52 1.51
C HIS A 153 -13.03 2.56 1.82
N HIS A 154 -13.68 3.64 1.38
CA HIS A 154 -15.11 3.58 1.10
C HIS A 154 -15.39 2.51 0.06
N HIS A 155 -14.75 2.64 -1.10
CA HIS A 155 -14.89 1.70 -2.21
C HIS A 155 -13.63 1.70 -3.07
N ASN B 5 6.01 1.21 5.15
CA ASN B 5 5.51 1.66 3.86
C ASN B 5 4.51 0.66 3.27
N ALA B 6 4.84 -0.64 3.35
CA ALA B 6 3.99 -1.66 2.76
C ALA B 6 2.57 -1.64 3.31
N LYS B 7 2.36 -1.10 4.51
CA LYS B 7 1.04 -0.97 5.10
C LYS B 7 0.34 0.32 4.69
N MET B 8 1.04 1.28 4.11
CA MET B 8 0.45 2.57 3.81
C MET B 8 -0.59 2.48 2.69
N LEU B 9 -1.59 3.35 2.77
CA LEU B 9 -2.58 3.48 1.72
C LEU B 9 -1.94 4.10 0.48
N PRO B 10 -2.56 3.95 -0.70
CA PRO B 10 -3.84 3.34 -1.05
C PRO B 10 -3.81 1.83 -1.33
N PHE B 11 -2.64 1.20 -1.29
CA PHE B 11 -2.45 -0.16 -1.79
C PHE B 11 -1.64 -0.94 -0.75
N ALA B 12 -2.33 -1.52 0.24
CA ALA B 12 -1.69 -2.09 1.41
C ALA B 12 -1.56 -3.61 1.25
N PHE B 13 -0.33 -4.07 1.02
CA PHE B 13 -0.03 -5.50 1.07
C PHE B 13 -0.30 -6.07 2.45
N GLY B 14 0.16 -5.36 3.48
CA GLY B 14 0.32 -5.90 4.82
C GLY B 14 1.79 -6.12 5.12
N ALA B 15 2.04 -6.70 6.29
CA ALA B 15 3.40 -7.10 6.69
C ALA B 15 3.36 -7.95 7.95
N UNK C 1 11.96 -11.38 5.87
CA UNK C 1 11.05 -10.55 5.10
C UNK C 1 11.71 -9.25 4.68
N UNK C 2 11.02 -8.49 3.83
CA UNK C 2 11.52 -7.22 3.34
C UNK C 2 10.40 -6.41 2.73
O4 PE4 D . 8.26 -13.74 15.55
C7 PE4 D . 9.40 -13.20 14.93
C8 PE4 D . 10.31 -14.37 14.61
O5 PE4 D . 9.74 -15.08 13.54
C9 PE4 D . 10.24 -16.38 13.35
C10 PE4 D . 9.34 -17.17 12.42
O6 PE4 D . 9.03 -16.42 11.28
C11 PE4 D . 8.35 -17.23 10.36
C12 PE4 D . 8.00 -16.42 9.12
O7 PE4 D . 9.15 -15.93 8.50
C13 PE4 D . 8.87 -15.08 7.42
C14 PE4 D . 10.15 -14.75 6.65
O8 PE4 D . 10.78 -15.95 6.26
O3 PE4 E . -16.73 19.81 -4.03
C5 PE4 E . -16.65 19.75 -2.63
C6 PE4 E . -17.12 21.07 -2.02
O4 PE4 E . -16.88 21.12 -0.65
C7 PE4 E . -15.72 21.79 -0.25
C8 PE4 E . -15.49 23.12 -0.97
O5 PE4 E . -14.54 23.89 -0.29
C9 PE4 E . -13.94 24.90 -1.05
C10 PE4 E . -13.54 24.41 -2.44
O6 PE4 E . -14.03 25.27 -3.44
C1 PEG F . -12.86 12.42 -12.84
O1 PEG F . -14.05 11.73 -12.54
C2 PEG F . -12.20 12.87 -11.54
O2 PEG F . -11.86 11.76 -10.77
C3 PEG F . -10.49 11.63 -10.55
C4 PEG F . -10.21 10.50 -9.56
O4 PEG F . -10.09 9.28 -10.24
O3 PE4 G . 8.51 -7.48 -9.21
C5 PE4 G . 8.58 -6.14 -8.82
C6 PE4 G . 9.95 -5.58 -9.19
O4 PE4 G . 9.79 -4.40 -9.93
C7 PE4 G . 10.97 -3.65 -10.07
C8 PE4 G . 10.95 -2.92 -11.41
O5 PE4 G . 9.69 -3.05 -12.02
C9 PE4 G . 9.46 -2.09 -13.01
C10 PE4 G . 8.83 -2.75 -14.24
O6 PE4 G . 7.54 -3.20 -13.93
C11 PE4 G . 6.52 -2.30 -14.30
C12 PE4 G . 5.42 -3.05 -15.07
O7 PE4 G . 4.34 -3.33 -14.22
NI NI H . 3.15 -7.32 17.67
NI NI I . -17.29 14.26 -10.20
CL CL J . -6.16 6.99 8.38
#